data_5EX7
#
_entry.id   5EX7
#
_cell.length_a   150.518
_cell.length_b   150.518
_cell.length_c   37.921
_cell.angle_alpha   90.000
_cell.angle_beta   90.000
_cell.angle_gamma   120.000
#
_symmetry.space_group_name_H-M   'P 32 2 1'
#
loop_
_entity.id
_entity.type
_entity.pdbx_description
1 polymer 'Brain tumor protein'
2 polymer "RNA (5'-R(P*UP*UP*UP*GP*UP*UP*GP*U)-3')"
3 water water
#
loop_
_entity_poly.entity_id
_entity_poly.type
_entity_poly.pdbx_seq_one_letter_code
_entity_poly.pdbx_strand_id
1 'polypeptide(L)'
;GPLQDPQIKRQKMIYHCKFGEFGVMEGQFTEPSGVAVNAQNDIIVADTNNHRIQIFDKEGRFKFQFGECGKRDSQLLYPN
RVAVVRNSGDIIVTERSPTHQIQIYNQYGQFVRKFGATILQHPRGVTVDNKGRIIVVECKVMRVIIFDQNGNVLHKFGCS
KHLEFPNGVVVNDKQEIFISDNRAHCVKVFNYEGQYLRQIGGEGITNYPIGVGINSNGEILIADNHNNFNLTIFTQDGQL
ISALESKVKHAQCFDVALMDDGSVVLASKDYRLYIYRYVQLAPVGM
;
A
2 'polyribonucleotide' UUUGUUGU B
#
# COMPACT_ATOMS: atom_id res chain seq x y z
N GLN A 7 6.00 27.67 -8.22
CA GLN A 7 6.62 26.51 -7.58
C GLN A 7 6.56 26.63 -6.06
N ILE A 8 6.30 25.50 -5.40
CA ILE A 8 6.10 25.51 -3.95
C ILE A 8 7.34 25.10 -3.16
N LYS A 9 7.43 25.62 -1.94
CA LYS A 9 8.58 25.38 -1.08
C LYS A 9 8.37 24.15 -0.20
N ARG A 10 9.34 23.24 -0.21
CA ARG A 10 9.22 22.00 0.54
C ARG A 10 10.18 21.94 1.71
N GLN A 11 9.64 21.73 2.91
CA GLN A 11 10.49 21.43 4.06
C GLN A 11 11.30 20.18 3.75
N LYS A 12 12.52 20.10 4.26
CA LYS A 12 13.34 18.92 4.07
C LYS A 12 13.04 17.89 5.14
N MET A 13 13.11 16.63 4.78
CA MET A 13 12.81 15.54 5.70
C MET A 13 13.90 14.48 5.62
N ILE A 14 14.16 13.81 6.73
CA ILE A 14 15.16 12.76 6.76
C ILE A 14 14.59 11.53 7.44
N TYR A 15 15.18 10.38 7.19
CA TYR A 15 14.73 9.17 7.85
C TYR A 15 15.54 8.96 9.12
N HIS A 16 15.01 8.15 10.04
CA HIS A 16 15.66 7.93 11.33
C HIS A 16 15.84 6.45 11.59
N CYS A 17 15.41 5.64 10.63
CA CYS A 17 15.58 4.19 10.73
C CYS A 17 15.68 3.61 9.34
N LYS A 18 16.33 2.46 9.23
CA LYS A 18 16.59 1.82 7.94
C LYS A 18 17.01 0.39 8.18
N PHE A 19 16.40 -0.55 7.47
CA PHE A 19 16.73 -1.95 7.67
C PHE A 19 16.54 -2.77 6.41
N GLY A 20 16.93 -4.04 6.47
CA GLY A 20 16.78 -4.95 5.36
C GLY A 20 17.95 -4.93 4.40
N GLU A 21 18.11 -6.03 3.67
CA GLU A 21 19.17 -6.18 2.68
C GLU A 21 18.80 -7.33 1.74
N PHE A 22 19.48 -7.41 0.60
CA PHE A 22 19.22 -8.49 -0.34
C PHE A 22 19.54 -9.83 0.30
N GLY A 23 18.68 -10.82 0.06
CA GLY A 23 18.93 -12.15 0.59
C GLY A 23 17.65 -12.96 0.75
N VAL A 24 17.79 -14.14 1.34
CA VAL A 24 16.67 -15.07 1.48
C VAL A 24 16.46 -15.50 2.93
N MET A 25 17.28 -14.97 3.83
CA MET A 25 17.14 -15.30 5.25
C MET A 25 16.29 -14.25 5.95
N GLU A 26 15.99 -14.49 7.22
CA GLU A 26 15.19 -13.55 8.01
C GLU A 26 15.77 -12.15 7.94
N GLY A 27 14.90 -11.17 7.71
CA GLY A 27 15.33 -9.78 7.62
C GLY A 27 15.93 -9.43 6.28
N GLN A 28 15.85 -10.36 5.32
CA GLN A 28 16.40 -10.12 3.99
C GLN A 28 15.32 -10.16 2.91
N PHE A 29 15.52 -9.38 1.85
CA PHE A 29 14.50 -9.21 0.82
C PHE A 29 15.00 -9.52 -0.58
N THR A 30 14.23 -10.29 -1.33
CA THR A 30 14.44 -10.37 -2.78
C THR A 30 13.66 -9.25 -3.46
N GLU A 31 12.40 -9.10 -3.06
CA GLU A 31 11.53 -8.10 -3.67
C GLU A 31 10.45 -7.64 -2.68
N PRO A 32 10.74 -6.56 -1.94
CA PRO A 32 9.81 -5.98 -0.96
C PRO A 32 8.71 -5.18 -1.64
N SER A 33 7.79 -5.87 -2.30
CA SER A 33 6.80 -5.23 -3.15
C SER A 33 5.72 -4.46 -2.39
N GLY A 34 5.33 -4.98 -1.22
CA GLY A 34 4.27 -4.38 -0.46
C GLY A 34 4.58 -4.20 1.02
N VAL A 35 4.10 -3.11 1.59
CA VAL A 35 4.31 -2.83 3.01
C VAL A 35 3.02 -2.33 3.67
N ALA A 36 2.75 -2.82 4.88
CA ALA A 36 1.57 -2.41 5.65
C ALA A 36 1.91 -2.29 7.14
N VAL A 37 1.18 -1.43 7.84
CA VAL A 37 1.43 -1.20 9.25
C VAL A 37 0.20 -1.52 10.10
N ASN A 38 0.38 -2.32 11.15
CA ASN A 38 -0.74 -2.67 12.04
C ASN A 38 -0.88 -1.72 13.23
N ALA A 39 -1.81 -2.03 14.12
CA ALA A 39 -2.19 -1.11 15.21
C ALA A 39 -1.08 -0.89 16.23
N GLN A 40 -0.20 -1.87 16.38
CA GLN A 40 0.96 -1.71 17.26
C GLN A 40 2.18 -1.25 16.47
N ASN A 41 1.92 -0.71 15.28
CA ASN A 41 2.95 -0.18 14.38
C ASN A 41 4.02 -1.18 13.94
N ASP A 42 3.68 -2.47 13.93
CA ASP A 42 4.55 -3.45 13.29
C ASP A 42 4.60 -3.15 11.80
N ILE A 43 5.66 -3.59 11.14
CA ILE A 43 5.81 -3.39 9.71
C ILE A 43 5.71 -4.72 8.97
N ILE A 44 4.63 -4.89 8.21
CA ILE A 44 4.40 -6.11 7.46
C ILE A 44 4.87 -5.96 6.02
N VAL A 45 5.78 -6.83 5.59
CA VAL A 45 6.37 -6.71 4.27
C VAL A 45 6.04 -7.91 3.39
N ALA A 46 5.63 -7.62 2.16
CA ALA A 46 5.44 -8.66 1.16
C ALA A 46 6.77 -8.95 0.46
N ASP A 47 7.34 -10.11 0.76
CA ASP A 47 8.61 -10.53 0.20
C ASP A 47 8.35 -11.46 -0.98
N THR A 48 8.05 -10.86 -2.13
CA THR A 48 7.38 -11.54 -3.24
C THR A 48 8.06 -12.80 -3.73
N ASN A 49 9.31 -12.67 -4.16
CA ASN A 49 10.02 -13.79 -4.76
C ASN A 49 10.55 -14.77 -3.72
N ASN A 50 10.29 -14.50 -2.45
CA ASN A 50 10.62 -15.44 -1.38
C ASN A 50 9.39 -16.16 -0.86
N HIS A 51 8.25 -15.88 -1.49
CA HIS A 51 7.00 -16.56 -1.18
C HIS A 51 6.58 -16.43 0.28
N ARG A 52 6.96 -15.31 0.90
CA ARG A 52 6.76 -15.14 2.33
C ARG A 52 6.33 -13.73 2.72
N ILE A 53 5.71 -13.62 3.89
CA ILE A 53 5.43 -12.33 4.50
C ILE A 53 6.31 -12.17 5.73
N GLN A 54 7.03 -11.06 5.84
CA GLN A 54 7.88 -10.81 6.98
C GLN A 54 7.37 -9.66 7.86
N ILE A 55 7.35 -9.89 9.17
CA ILE A 55 6.89 -8.90 10.13
C ILE A 55 8.06 -8.39 10.99
N PHE A 56 8.19 -7.06 11.04
CA PHE A 56 9.18 -6.40 11.88
C PHE A 56 8.45 -5.51 12.89
N ASP A 57 9.15 -5.04 13.91
CA ASP A 57 8.55 -4.02 14.79
C ASP A 57 8.83 -2.64 14.21
N LYS A 58 8.42 -1.59 14.93
CA LYS A 58 8.54 -0.23 14.39
C LYS A 58 9.98 0.26 14.34
N GLU A 59 10.94 -0.62 14.62
CA GLU A 59 12.34 -0.26 14.64
C GLU A 59 13.18 -1.19 13.76
N GLY A 60 12.51 -1.90 12.86
CA GLY A 60 13.21 -2.73 11.88
C GLY A 60 13.66 -4.06 12.44
N ARG A 61 13.22 -4.36 13.65
CA ARG A 61 13.62 -5.60 14.30
C ARG A 61 12.76 -6.75 13.82
N PHE A 62 13.37 -7.73 13.18
CA PHE A 62 12.64 -8.89 12.69
C PHE A 62 11.89 -9.58 13.82
N LYS A 63 10.60 -9.82 13.60
CA LYS A 63 9.78 -10.51 14.58
C LYS A 63 9.56 -11.95 14.14
N PHE A 64 8.85 -12.14 13.02
CA PHE A 64 8.69 -13.46 12.45
C PHE A 64 8.24 -13.41 11.00
N GLN A 65 8.03 -14.58 10.41
CA GLN A 65 7.65 -14.67 9.01
C GLN A 65 6.71 -15.85 8.79
N PHE A 66 5.93 -15.80 7.70
CA PHE A 66 5.07 -16.93 7.35
C PHE A 66 4.87 -17.06 5.85
N GLY A 67 4.38 -18.22 5.43
CA GLY A 67 4.18 -18.51 4.02
C GLY A 67 5.37 -19.19 3.37
N GLU A 68 5.15 -20.42 2.91
CA GLU A 68 6.17 -21.14 2.15
C GLU A 68 5.65 -21.36 0.73
N CYS A 69 6.55 -21.71 -0.19
CA CYS A 69 6.18 -21.87 -1.60
C CYS A 69 5.15 -22.99 -1.81
N GLY A 70 4.25 -22.78 -2.77
CA GLY A 70 3.19 -23.74 -3.05
C GLY A 70 1.92 -23.06 -3.55
N LYS A 71 0.90 -23.86 -3.84
CA LYS A 71 -0.34 -23.32 -4.39
C LYS A 71 -1.58 -23.66 -3.56
N ARG A 72 -1.41 -24.44 -2.49
CA ARG A 72 -2.54 -24.77 -1.62
C ARG A 72 -2.60 -23.84 -0.41
N ASP A 73 -3.36 -24.24 0.59
CA ASP A 73 -3.52 -23.46 1.81
C ASP A 73 -2.20 -23.31 2.55
N SER A 74 -2.08 -22.24 3.33
CA SER A 74 -0.88 -21.92 4.10
C SER A 74 0.37 -21.78 3.21
N GLN A 75 0.15 -21.57 1.92
CA GLN A 75 1.25 -21.48 0.97
C GLN A 75 1.08 -20.32 0.02
N LEU A 76 2.03 -19.39 0.07
CA LEU A 76 2.04 -18.24 -0.82
C LEU A 76 2.97 -18.49 -2.00
N LEU A 77 2.56 -18.00 -3.17
CA LEU A 77 3.43 -18.09 -4.33
C LEU A 77 4.11 -16.75 -4.56
N TYR A 78 3.38 -15.77 -5.10
CA TYR A 78 3.95 -14.46 -5.34
C TYR A 78 3.12 -13.33 -4.72
N PRO A 79 3.27 -13.12 -3.41
CA PRO A 79 2.59 -12.02 -2.70
C PRO A 79 3.21 -10.67 -3.02
N ASN A 80 2.41 -9.73 -3.53
CA ASN A 80 2.95 -8.45 -3.95
C ASN A 80 2.45 -7.25 -3.15
N ARG A 81 1.28 -7.35 -2.54
CA ARG A 81 0.75 -6.26 -1.71
C ARG A 81 0.10 -6.78 -0.42
N VAL A 82 0.15 -5.98 0.63
CA VAL A 82 -0.46 -6.34 1.91
C VAL A 82 -1.30 -5.21 2.47
N ALA A 83 -2.35 -5.57 3.20
CA ALA A 83 -3.10 -4.62 4.01
C ALA A 83 -3.41 -5.27 5.34
N VAL A 84 -3.74 -4.45 6.34
CA VAL A 84 -4.07 -4.98 7.66
C VAL A 84 -5.48 -4.61 8.08
N VAL A 85 -6.22 -5.57 8.60
CA VAL A 85 -7.50 -5.29 9.26
C VAL A 85 -7.19 -4.81 10.67
N ARG A 86 -7.30 -3.51 10.89
CA ARG A 86 -6.83 -2.88 12.13
C ARG A 86 -7.47 -3.44 13.40
N ASN A 87 -8.78 -3.66 13.35
CA ASN A 87 -9.51 -4.08 14.55
CA ASN A 87 -9.55 -4.09 14.51
C ASN A 87 -9.40 -5.58 14.84
N SER A 88 -8.60 -6.29 14.05
CA SER A 88 -8.44 -7.72 14.26
C SER A 88 -6.98 -8.17 14.15
N GLY A 89 -6.18 -7.40 13.44
CA GLY A 89 -4.77 -7.71 13.25
C GLY A 89 -4.54 -8.61 12.05
N ASP A 90 -5.62 -9.07 11.44
CA ASP A 90 -5.55 -9.93 10.26
C ASP A 90 -4.78 -9.26 9.12
N ILE A 91 -4.06 -10.06 8.36
CA ILE A 91 -3.26 -9.55 7.26
C ILE A 91 -3.87 -9.98 5.93
N ILE A 92 -4.11 -9.01 5.06
CA ILE A 92 -4.69 -9.28 3.75
C ILE A 92 -3.60 -9.31 2.70
N VAL A 93 -3.45 -10.46 2.05
CA VAL A 93 -2.39 -10.64 1.07
C VAL A 93 -2.94 -10.80 -0.34
N THR A 94 -2.36 -10.09 -1.30
CA THR A 94 -2.72 -10.29 -2.70
C THR A 94 -1.59 -11.01 -3.43
N GLU A 95 -1.95 -12.02 -4.20
CA GLU A 95 -0.96 -12.77 -4.97
C GLU A 95 -1.01 -12.34 -6.43
N ARG A 96 0.17 -12.10 -6.98
CA ARG A 96 0.34 -11.74 -8.38
C ARG A 96 -0.02 -12.91 -9.27
N SER A 97 0.12 -12.72 -10.59
CA SER A 97 0.00 -13.82 -11.54
C SER A 97 1.04 -14.89 -11.22
N PRO A 98 0.73 -16.17 -11.46
CA PRO A 98 -0.48 -16.74 -12.06
C PRO A 98 -1.57 -17.11 -11.06
N THR A 99 -1.42 -16.72 -9.81
CA THR A 99 -2.42 -17.03 -8.80
C THR A 99 -3.57 -16.02 -8.84
N HIS A 100 -3.19 -14.75 -8.98
CA HIS A 100 -4.10 -13.59 -8.90
C HIS A 100 -5.28 -13.81 -7.97
N GLN A 101 -4.99 -13.80 -6.67
CA GLN A 101 -6.03 -14.00 -5.66
C GLN A 101 -5.68 -13.30 -4.36
N ILE A 102 -6.55 -13.47 -3.38
CA ILE A 102 -6.35 -12.90 -2.06
C ILE A 102 -6.26 -14.02 -1.03
N GLN A 103 -5.30 -13.92 -0.13
CA GLN A 103 -5.22 -14.84 1.00
C GLN A 103 -5.29 -14.05 2.30
N ILE A 104 -6.07 -14.53 3.25
CA ILE A 104 -6.18 -13.89 4.55
C ILE A 104 -5.49 -14.72 5.61
N TYR A 105 -4.58 -14.07 6.35
CA TYR A 105 -3.92 -14.68 7.48
C TYR A 105 -4.24 -13.88 8.74
N ASN A 106 -4.19 -14.51 9.91
CA ASN A 106 -4.39 -13.78 11.15
C ASN A 106 -3.08 -13.14 11.62
N GLN A 107 -3.14 -12.40 12.71
CA GLN A 107 -1.96 -11.68 13.21
C GLN A 107 -0.81 -12.63 13.57
N TYR A 108 -1.10 -13.91 13.74
CA TYR A 108 -0.07 -14.87 14.10
C TYR A 108 0.48 -15.62 12.88
N GLY A 109 0.12 -15.16 11.69
CA GLY A 109 0.62 -15.77 10.47
C GLY A 109 -0.04 -17.09 10.12
N GLN A 110 -1.19 -17.35 10.72
CA GLN A 110 -1.92 -18.58 10.43
C GLN A 110 -2.93 -18.34 9.31
N PHE A 111 -3.15 -19.35 8.48
CA PHE A 111 -4.06 -19.23 7.34
C PHE A 111 -5.52 -19.18 7.79
N VAL A 112 -6.31 -18.34 7.14
CA VAL A 112 -7.74 -18.24 7.42
C VAL A 112 -8.57 -18.69 6.22
N ARG A 113 -8.40 -18.02 5.09
CA ARG A 113 -9.14 -18.36 3.87
C ARG A 113 -8.50 -17.71 2.65
N LYS A 114 -8.94 -18.10 1.47
CA LYS A 114 -8.49 -17.48 0.23
C LYS A 114 -9.65 -17.42 -0.76
N PHE A 115 -9.59 -16.47 -1.69
CA PHE A 115 -10.69 -16.27 -2.64
C PHE A 115 -10.27 -15.35 -3.77
N GLY A 116 -11.15 -15.21 -4.76
CA GLY A 116 -11.00 -14.20 -5.79
C GLY A 116 -10.15 -14.57 -6.99
N ALA A 117 -9.68 -15.81 -7.05
CA ALA A 117 -8.82 -16.24 -8.15
C ALA A 117 -9.51 -16.15 -9.49
N THR A 118 -10.82 -16.38 -9.50
CA THR A 118 -11.60 -16.32 -10.74
C THR A 118 -12.01 -14.89 -11.08
N ILE A 119 -11.64 -13.95 -10.22
CA ILE A 119 -12.08 -12.57 -10.38
C ILE A 119 -10.92 -11.61 -10.61
N LEU A 120 -9.83 -11.79 -9.87
CA LEU A 120 -8.71 -10.87 -9.95
C LEU A 120 -7.81 -11.19 -11.13
N GLN A 121 -7.09 -10.19 -11.62
CA GLN A 121 -6.16 -10.35 -12.74
CA GLN A 121 -6.14 -10.39 -12.70
C GLN A 121 -4.83 -9.66 -12.45
N HIS A 122 -4.89 -8.38 -12.10
CA HIS A 122 -3.68 -7.60 -11.85
C HIS A 122 -3.74 -6.75 -10.59
N PRO A 123 -3.88 -7.38 -9.41
CA PRO A 123 -3.92 -6.64 -8.15
C PRO A 123 -2.67 -5.77 -7.96
N ARG A 124 -2.85 -4.46 -7.82
CA ARG A 124 -1.72 -3.55 -7.69
C ARG A 124 -1.82 -2.70 -6.42
N GLY A 125 -2.93 -2.85 -5.69
CA GLY A 125 -3.12 -2.15 -4.44
C GLY A 125 -4.31 -2.70 -3.66
N VAL A 126 -4.17 -2.76 -2.33
CA VAL A 126 -5.23 -3.29 -1.50
C VAL A 126 -5.32 -2.55 -0.17
N THR A 127 -6.52 -2.44 0.38
CA THR A 127 -6.72 -1.82 1.68
C THR A 127 -8.06 -2.27 2.30
N VAL A 128 -8.25 -1.97 3.57
CA VAL A 128 -9.46 -2.38 4.30
C VAL A 128 -10.16 -1.16 4.93
N ASP A 129 -11.49 -1.09 4.82
CA ASP A 129 -12.21 0.01 5.46
C ASP A 129 -12.70 -0.38 6.84
N ASN A 130 -13.37 0.55 7.52
CA ASN A 130 -13.79 0.34 8.91
C ASN A 130 -14.95 -0.64 9.07
N LYS A 131 -15.61 -0.99 7.97
CA LYS A 131 -16.66 -2.00 8.00
C LYS A 131 -16.11 -3.37 7.61
N GLY A 132 -14.79 -3.47 7.53
CA GLY A 132 -14.13 -4.73 7.27
C GLY A 132 -14.07 -5.13 5.81
N ARG A 133 -14.50 -4.23 4.93
CA ARG A 133 -14.51 -4.51 3.49
C ARG A 133 -13.13 -4.34 2.85
N ILE A 134 -12.79 -5.26 1.96
CA ILE A 134 -11.49 -5.27 1.32
C ILE A 134 -11.53 -4.63 -0.06
N ILE A 135 -10.75 -3.58 -0.27
CA ILE A 135 -10.75 -2.90 -1.55
C ILE A 135 -9.47 -3.20 -2.35
N VAL A 136 -9.66 -3.65 -3.59
CA VAL A 136 -8.54 -3.97 -4.46
C VAL A 136 -8.60 -3.13 -5.73
N VAL A 137 -7.45 -2.59 -6.14
CA VAL A 137 -7.37 -1.88 -7.40
C VAL A 137 -6.42 -2.63 -8.34
N GLU A 138 -6.80 -2.73 -9.61
CA GLU A 138 -6.01 -3.46 -10.58
C GLU A 138 -5.47 -2.56 -11.68
N CYS A 139 -4.19 -2.71 -11.98
CA CYS A 139 -3.59 -1.97 -13.07
C CYS A 139 -3.82 -2.71 -14.39
N LYS A 140 -3.32 -2.13 -15.48
CA LYS A 140 -3.46 -2.66 -16.84
C LYS A 140 -4.90 -2.75 -17.34
N VAL A 141 -5.79 -3.37 -16.56
CA VAL A 141 -7.20 -3.45 -16.93
C VAL A 141 -8.06 -2.39 -16.25
N MET A 142 -7.52 -1.72 -15.24
CA MET A 142 -8.21 -0.66 -14.51
C MET A 142 -9.57 -1.12 -13.96
N ARG A 143 -9.53 -1.82 -12.83
CA ARG A 143 -10.73 -2.25 -12.16
C ARG A 143 -10.61 -2.04 -10.66
N VAL A 144 -11.74 -1.76 -10.01
CA VAL A 144 -11.81 -1.78 -8.56
C VAL A 144 -12.78 -2.88 -8.16
N ILE A 145 -12.35 -3.74 -7.25
CA ILE A 145 -13.22 -4.79 -6.74
C ILE A 145 -13.25 -4.68 -5.23
N ILE A 146 -14.42 -4.84 -4.65
CA ILE A 146 -14.57 -4.72 -3.20
C ILE A 146 -15.21 -5.99 -2.63
N PHE A 147 -14.51 -6.63 -1.69
CA PHE A 147 -14.96 -7.87 -1.08
C PHE A 147 -15.38 -7.64 0.36
N ASP A 148 -16.15 -8.58 0.92
CA ASP A 148 -16.27 -8.65 2.36
C ASP A 148 -15.21 -9.62 2.87
N GLN A 149 -15.09 -9.76 4.19
CA GLN A 149 -14.08 -10.62 4.79
C GLN A 149 -14.20 -12.07 4.33
N ASN A 150 -15.41 -12.47 3.93
CA ASN A 150 -15.69 -13.83 3.54
C ASN A 150 -15.39 -14.11 2.07
N GLY A 151 -14.98 -13.08 1.34
CA GLY A 151 -14.62 -13.25 -0.05
C GLY A 151 -15.75 -13.02 -1.05
N ASN A 152 -16.89 -12.55 -0.56
CA ASN A 152 -17.99 -12.22 -1.46
C ASN A 152 -17.75 -10.87 -2.12
N VAL A 153 -17.93 -10.80 -3.43
CA VAL A 153 -17.81 -9.54 -4.13
C VAL A 153 -19.00 -8.63 -3.81
N LEU A 154 -18.71 -7.40 -3.39
CA LEU A 154 -19.76 -6.44 -3.08
C LEU A 154 -19.89 -5.42 -4.20
N HIS A 155 -18.76 -4.89 -4.67
CA HIS A 155 -18.75 -3.94 -5.76
C HIS A 155 -17.67 -4.31 -6.79
N LYS A 156 -17.96 -4.05 -8.05
CA LYS A 156 -16.97 -4.17 -9.10
C LYS A 156 -17.25 -3.11 -10.15
N PHE A 157 -16.22 -2.41 -10.58
CA PHE A 157 -16.37 -1.46 -11.67
C PHE A 157 -15.05 -1.20 -12.37
N GLY A 158 -15.12 -0.96 -13.67
CA GLY A 158 -13.94 -0.62 -14.44
C GLY A 158 -13.80 0.88 -14.46
N CYS A 159 -12.61 1.37 -14.79
CA CYS A 159 -12.39 2.80 -14.90
C CYS A 159 -11.19 3.06 -15.80
N SER A 160 -11.18 2.38 -16.94
CA SER A 160 -10.16 2.58 -17.96
C SER A 160 -10.23 4.00 -18.53
N LYS A 161 -11.39 4.63 -18.42
CA LYS A 161 -11.55 6.00 -18.89
C LYS A 161 -10.84 6.98 -17.98
N HIS A 162 -10.65 6.59 -16.73
CA HIS A 162 -10.17 7.53 -15.72
C HIS A 162 -8.88 7.13 -15.01
N LEU A 163 -8.38 5.93 -15.26
CA LEU A 163 -7.12 5.50 -14.64
C LEU A 163 -6.07 5.15 -15.69
N GLU A 164 -4.88 5.74 -15.55
CA GLU A 164 -3.80 5.50 -16.48
C GLU A 164 -2.81 4.45 -15.94
N PHE A 165 -2.46 4.57 -14.66
CA PHE A 165 -1.57 3.63 -14.00
C PHE A 165 -1.78 3.69 -12.49
N PRO A 166 -2.76 2.93 -11.98
CA PRO A 166 -3.08 2.91 -10.55
C PRO A 166 -2.09 2.06 -9.77
N ASN A 167 -1.50 2.61 -8.71
CA ASN A 167 -0.48 1.87 -7.98
C ASN A 167 -0.60 1.93 -6.45
N GLY A 168 -1.73 2.40 -5.95
CA GLY A 168 -1.92 2.49 -4.52
C GLY A 168 -3.33 2.93 -4.17
N VAL A 169 -3.79 2.55 -2.98
CA VAL A 169 -5.17 2.85 -2.60
C VAL A 169 -5.40 2.95 -1.09
N VAL A 170 -6.16 3.97 -0.68
CA VAL A 170 -6.72 4.04 0.67
C VAL A 170 -8.16 4.53 0.62
N VAL A 171 -8.87 4.38 1.74
CA VAL A 171 -10.24 4.84 1.85
C VAL A 171 -10.45 5.62 3.15
N ASN A 172 -11.46 6.49 3.17
CA ASN A 172 -11.85 7.15 4.42
C ASN A 172 -13.02 6.43 5.06
N ASP A 173 -13.78 7.15 5.87
CA ASP A 173 -14.94 6.57 6.56
CA ASP A 173 -14.94 6.57 6.57
C ASP A 173 -16.24 6.92 5.85
N LYS A 174 -16.12 7.51 4.66
CA LYS A 174 -17.29 7.97 3.93
C LYS A 174 -17.44 7.29 2.58
N GLN A 175 -16.97 6.05 2.47
CA GLN A 175 -16.99 5.28 1.23
C GLN A 175 -16.41 6.03 0.05
N GLU A 176 -15.33 6.76 0.28
CA GLU A 176 -14.57 7.38 -0.80
C GLU A 176 -13.25 6.64 -0.97
N ILE A 177 -12.87 6.43 -2.22
CA ILE A 177 -11.68 5.64 -2.53
C ILE A 177 -10.60 6.52 -3.16
N PHE A 178 -9.42 6.52 -2.54
CA PHE A 178 -8.32 7.37 -3.00
C PHE A 178 -7.25 6.51 -3.67
N ILE A 179 -7.09 6.73 -4.97
CA ILE A 179 -6.17 5.91 -5.77
C ILE A 179 -5.05 6.77 -6.36
N SER A 180 -3.81 6.35 -6.18
CA SER A 180 -2.69 7.06 -6.79
C SER A 180 -2.52 6.61 -8.22
N ASP A 181 -2.46 7.57 -9.13
CA ASP A 181 -2.32 7.30 -10.55
C ASP A 181 -0.97 7.79 -11.03
N ASN A 182 -0.03 6.87 -11.15
CA ASN A 182 1.35 7.21 -11.47
C ASN A 182 1.52 8.06 -12.73
N ARG A 183 0.70 7.81 -13.75
CA ARG A 183 0.85 8.50 -15.01
C ARG A 183 -0.10 9.69 -15.15
N ALA A 184 -0.97 9.88 -14.17
CA ALA A 184 -1.83 11.06 -14.16
C ALA A 184 -1.29 12.09 -13.18
N HIS A 185 -0.23 11.71 -12.45
CA HIS A 185 0.45 12.61 -11.53
C HIS A 185 -0.51 13.20 -10.51
N CYS A 186 -1.35 12.34 -9.93
CA CYS A 186 -2.31 12.78 -8.94
C CYS A 186 -2.95 11.61 -8.24
N VAL A 187 -3.80 11.91 -7.27
CA VAL A 187 -4.69 10.92 -6.67
C VAL A 187 -6.11 11.18 -7.18
N LYS A 188 -6.76 10.11 -7.63
CA LYS A 188 -8.14 10.23 -8.10
C LYS A 188 -9.09 9.63 -7.08
N VAL A 189 -10.21 10.31 -6.84
CA VAL A 189 -11.17 9.89 -5.84
C VAL A 189 -12.44 9.31 -6.46
N PHE A 190 -12.81 8.11 -5.99
CA PHE A 190 -14.01 7.44 -6.44
C PHE A 190 -14.87 7.07 -5.24
N ASN A 191 -16.13 6.71 -5.48
CA ASN A 191 -16.91 6.07 -4.42
C ASN A 191 -17.11 4.59 -4.75
N TYR A 192 -17.71 3.85 -3.83
CA TYR A 192 -17.85 2.40 -3.99
C TYR A 192 -18.73 2.06 -5.20
N GLU A 193 -19.56 3.01 -5.63
CA GLU A 193 -20.43 2.77 -6.77
C GLU A 193 -19.69 3.04 -8.08
N GLY A 194 -18.49 3.62 -7.97
CA GLY A 194 -17.66 3.83 -9.13
C GLY A 194 -17.68 5.23 -9.69
N GLN A 195 -18.39 6.14 -9.02
CA GLN A 195 -18.45 7.52 -9.47
C GLN A 195 -17.11 8.22 -9.28
N TYR A 196 -16.68 8.93 -10.32
CA TYR A 196 -15.45 9.69 -10.30
C TYR A 196 -15.70 11.04 -9.62
N LEU A 197 -15.26 11.16 -8.37
CA LEU A 197 -15.57 12.32 -7.54
C LEU A 197 -14.74 13.56 -7.82
N ARG A 198 -13.42 13.45 -7.65
CA ARG A 198 -12.53 14.61 -7.81
C ARG A 198 -11.07 14.20 -7.94
N GLN A 199 -10.20 15.20 -8.13
CA GLN A 199 -8.76 14.98 -8.16
C GLN A 199 -8.07 15.65 -6.98
N ILE A 200 -7.06 14.97 -6.45
CA ILE A 200 -6.20 15.56 -5.43
C ILE A 200 -4.78 15.57 -5.97
N GLY A 201 -4.12 16.72 -5.86
CA GLY A 201 -2.80 16.87 -6.42
C GLY A 201 -2.88 17.09 -7.92
N GLY A 202 -1.73 17.06 -8.58
CA GLY A 202 -1.67 17.31 -10.00
C GLY A 202 -0.25 17.37 -10.53
N GLU A 203 -0.12 17.55 -11.83
CA GLU A 203 1.19 17.64 -12.46
C GLU A 203 1.90 18.90 -11.99
N GLY A 204 3.20 18.77 -11.71
CA GLY A 204 3.98 19.90 -11.25
C GLY A 204 4.12 19.92 -9.74
N ILE A 205 3.23 19.21 -9.05
CA ILE A 205 3.27 19.16 -7.60
C ILE A 205 3.34 17.73 -7.06
N THR A 206 2.70 16.78 -7.75
CA THR A 206 2.87 15.37 -7.40
C THR A 206 3.09 14.50 -8.62
N ASN A 207 4.22 14.70 -9.30
CA ASN A 207 4.56 13.92 -10.48
C ASN A 207 4.91 12.49 -10.12
N TYR A 208 4.40 11.54 -10.92
CA TYR A 208 4.69 10.12 -10.76
C TYR A 208 4.54 9.60 -9.34
N PRO A 209 3.32 9.67 -8.78
CA PRO A 209 3.12 9.17 -7.42
C PRO A 209 3.32 7.66 -7.34
N ILE A 210 3.81 7.19 -6.20
CA ILE A 210 4.10 5.78 -6.02
C ILE A 210 3.21 5.17 -4.95
N GLY A 211 2.39 6.00 -4.33
CA GLY A 211 1.53 5.54 -3.27
C GLY A 211 0.72 6.66 -2.63
N VAL A 212 -0.25 6.27 -1.81
CA VAL A 212 -1.11 7.24 -1.16
C VAL A 212 -1.44 6.73 0.24
N GLY A 213 -1.61 7.65 1.18
CA GLY A 213 -1.97 7.27 2.53
C GLY A 213 -2.96 8.25 3.15
N ILE A 214 -3.57 7.84 4.25
CA ILE A 214 -4.42 8.73 5.00
C ILE A 214 -4.12 8.57 6.48
N ASN A 215 -3.88 9.68 7.18
CA ASN A 215 -3.48 9.62 8.57
C ASN A 215 -4.64 9.81 9.54
N SER A 216 -4.34 9.82 10.83
CA SER A 216 -5.36 9.93 11.87
C SER A 216 -6.14 11.24 11.78
N ASN A 217 -5.54 12.27 11.22
CA ASN A 217 -6.23 13.55 11.05
C ASN A 217 -7.10 13.55 9.80
N GLY A 218 -7.05 12.45 9.05
CA GLY A 218 -7.81 12.36 7.81
C GLY A 218 -7.22 13.19 6.69
N GLU A 219 -5.90 13.40 6.76
CA GLU A 219 -5.18 14.09 5.70
C GLU A 219 -4.71 13.08 4.66
N ILE A 220 -4.76 13.48 3.40
CA ILE A 220 -4.33 12.61 2.32
C ILE A 220 -2.87 12.87 1.97
N LEU A 221 -2.05 11.84 2.14
CA LEU A 221 -0.63 11.93 1.84
C LEU A 221 -0.34 11.28 0.50
N ILE A 222 0.19 12.07 -0.43
CA ILE A 222 0.62 11.54 -1.73
C ILE A 222 2.14 11.39 -1.78
N ALA A 223 2.61 10.17 -2.06
CA ALA A 223 4.04 9.90 -2.10
C ALA A 223 4.53 9.72 -3.54
N ASP A 224 5.62 10.40 -3.88
CA ASP A 224 6.26 10.21 -5.17
C ASP A 224 7.79 10.13 -5.04
N ASN A 225 8.44 9.72 -6.12
CA ASN A 225 9.89 9.62 -6.15
C ASN A 225 10.44 10.19 -7.44
N HIS A 226 9.84 11.30 -7.90
CA HIS A 226 10.13 11.82 -9.23
C HIS A 226 11.52 12.42 -9.34
N ASN A 227 12.11 12.74 -8.20
CA ASN A 227 13.51 13.10 -8.12
C ASN A 227 14.03 12.70 -6.75
N ASN A 228 13.76 13.55 -5.77
CA ASN A 228 13.87 13.15 -4.38
C ASN A 228 12.64 12.32 -3.99
N PHE A 229 12.60 11.88 -2.74
CA PHE A 229 11.39 11.27 -2.21
C PHE A 229 10.50 12.37 -1.66
N ASN A 230 9.41 12.65 -2.37
CA ASN A 230 8.53 13.74 -2.00
C ASN A 230 7.23 13.27 -1.35
N LEU A 231 6.74 14.09 -0.43
CA LEU A 231 5.54 13.78 0.33
C LEU A 231 4.65 15.02 0.36
N THR A 232 3.52 14.97 -0.33
CA THR A 232 2.63 16.12 -0.38
C THR A 232 1.29 15.82 0.30
N ILE A 233 0.90 16.68 1.22
CA ILE A 233 -0.22 16.42 2.11
C ILE A 233 -1.39 17.36 1.88
N PHE A 234 -2.55 16.76 1.61
CA PHE A 234 -3.76 17.52 1.25
C PHE A 234 -4.92 17.27 2.19
N THR A 235 -5.88 18.19 2.16
CA THR A 235 -7.20 17.93 2.72
C THR A 235 -7.90 17.00 1.73
N GLN A 236 -8.99 16.36 2.17
CA GLN A 236 -9.70 15.44 1.31
C GLN A 236 -10.41 16.15 0.16
N ASP A 237 -10.36 17.48 0.16
CA ASP A 237 -10.92 18.26 -0.95
C ASP A 237 -9.86 18.50 -2.02
N GLY A 238 -8.60 18.53 -1.60
CA GLY A 238 -7.51 18.79 -2.52
C GLY A 238 -6.80 20.09 -2.20
N GLN A 239 -7.13 20.69 -1.06
CA GLN A 239 -6.42 21.88 -0.62
C GLN A 239 -5.06 21.45 -0.06
N LEU A 240 -4.00 22.07 -0.58
CA LEU A 240 -2.65 21.75 -0.14
C LEU A 240 -2.42 22.18 1.31
N ILE A 241 -1.87 21.28 2.10
CA ILE A 241 -1.55 21.58 3.49
C ILE A 241 -0.04 21.71 3.70
N SER A 242 0.69 20.72 3.22
CA SER A 242 2.10 20.59 3.53
C SER A 242 2.83 19.86 2.41
N ALA A 243 4.09 20.24 2.19
CA ALA A 243 4.90 19.62 1.14
C ALA A 243 6.33 19.41 1.61
N LEU A 244 6.84 18.20 1.44
CA LEU A 244 8.17 17.85 1.94
C LEU A 244 9.00 17.12 0.88
N GLU A 245 10.32 17.25 0.96
CA GLU A 245 11.22 16.47 0.11
C GLU A 245 12.36 15.89 0.95
N SER A 246 12.85 14.72 0.55
CA SER A 246 13.89 14.05 1.31
C SER A 246 15.26 14.65 1.04
N LYS A 247 16.22 14.28 1.89
CA LYS A 247 17.60 14.72 1.72
C LYS A 247 18.29 13.83 0.68
N VAL A 248 18.18 12.53 0.87
CA VAL A 248 18.77 11.54 -0.02
C VAL A 248 17.98 11.43 -1.32
N LYS A 249 18.58 10.82 -2.34
CA LYS A 249 17.84 10.32 -3.48
C LYS A 249 17.78 8.80 -3.37
N HIS A 250 16.62 8.23 -3.68
CA HIS A 250 16.41 6.80 -3.54
C HIS A 250 16.34 6.09 -4.87
N ALA A 251 16.51 4.77 -4.84
CA ALA A 251 16.22 3.93 -6.00
C ALA A 251 14.71 3.89 -6.22
N GLN A 252 14.27 3.05 -7.15
CA GLN A 252 12.84 2.87 -7.38
C GLN A 252 12.14 2.46 -6.10
N CYS A 253 10.92 2.96 -5.89
CA CYS A 253 10.18 2.66 -4.68
C CYS A 253 8.94 1.82 -4.96
N PHE A 254 8.74 0.77 -4.16
CA PHE A 254 7.63 -0.15 -4.32
C PHE A 254 6.33 0.38 -3.72
N ASP A 255 6.40 0.85 -2.48
CA ASP A 255 5.20 1.09 -1.70
C ASP A 255 5.49 1.98 -0.48
N VAL A 256 4.44 2.61 0.03
CA VAL A 256 4.54 3.41 1.23
C VAL A 256 3.42 3.05 2.19
N ALA A 257 3.68 3.19 3.48
CA ALA A 257 2.66 2.94 4.49
C ALA A 257 2.84 3.91 5.65
N LEU A 258 1.72 4.44 6.14
CA LEU A 258 1.76 5.40 7.25
C LEU A 258 1.88 4.71 8.61
N MET A 259 2.46 5.41 9.56
CA MET A 259 2.54 4.92 10.93
C MET A 259 1.93 5.94 11.89
N ASP A 260 1.58 5.47 13.09
CA ASP A 260 0.85 6.25 14.08
C ASP A 260 1.42 7.64 14.36
N ASP A 261 2.72 7.69 14.66
CA ASP A 261 3.35 8.90 15.15
C ASP A 261 3.92 9.79 14.05
N GLY A 262 3.11 10.10 13.04
CA GLY A 262 3.52 10.99 11.98
C GLY A 262 4.74 10.53 11.20
N SER A 263 4.73 9.26 10.79
CA SER A 263 5.84 8.68 10.05
C SER A 263 5.38 7.85 8.87
N VAL A 264 6.29 7.63 7.92
CA VAL A 264 6.01 6.84 6.73
C VAL A 264 7.07 5.76 6.53
N VAL A 265 6.65 4.55 6.21
CA VAL A 265 7.58 3.50 5.81
C VAL A 265 7.71 3.46 4.30
N LEU A 266 8.94 3.58 3.80
CA LEU A 266 9.20 3.61 2.37
C LEU A 266 10.01 2.39 1.91
N ALA A 267 9.39 1.53 1.10
CA ALA A 267 10.05 0.33 0.59
C ALA A 267 10.74 0.62 -0.75
N SER A 268 12.05 0.41 -0.79
CA SER A 268 12.86 0.83 -1.95
C SER A 268 13.39 -0.37 -2.74
N LYS A 269 13.83 -0.09 -3.97
CA LYS A 269 14.41 -1.10 -4.83
C LYS A 269 15.75 -1.57 -4.28
N ASP A 270 16.42 -0.70 -3.51
CA ASP A 270 17.72 -1.02 -2.92
C ASP A 270 17.62 -2.03 -1.78
N TYR A 271 16.48 -2.71 -1.67
CA TYR A 271 16.25 -3.77 -0.70
C TYR A 271 16.26 -3.30 0.75
N ARG A 272 15.97 -2.01 0.96
CA ARG A 272 15.93 -1.46 2.31
CA ARG A 272 15.94 -1.44 2.30
C ARG A 272 14.67 -0.63 2.54
N LEU A 273 14.11 -0.74 3.73
CA LEU A 273 12.93 0.05 4.10
C LEU A 273 13.40 1.27 4.89
N TYR A 274 12.87 2.44 4.53
CA TYR A 274 13.28 3.68 5.17
C TYR A 274 12.12 4.32 5.94
N ILE A 275 12.34 4.62 7.21
CA ILE A 275 11.31 5.26 8.03
C ILE A 275 11.51 6.77 8.14
N TYR A 276 10.69 7.51 7.40
CA TYR A 276 10.73 8.97 7.43
C TYR A 276 9.73 9.53 8.43
N ARG A 277 10.04 10.69 9.00
CA ARG A 277 9.09 11.39 9.87
C ARG A 277 8.68 12.70 9.20
N TYR A 278 7.39 12.90 9.00
CA TYR A 278 6.91 14.04 8.22
C TYR A 278 6.32 15.16 9.08
N VAL A 279 6.36 14.98 10.40
CA VAL A 279 5.99 16.05 11.32
C VAL A 279 6.86 15.99 12.57
N GLN A 280 7.48 17.11 12.91
CA GLN A 280 8.32 17.20 14.10
C GLN A 280 7.51 17.62 15.31
#